data_1C24
#
_entry.id   1C24
#
_cell.length_a   39.293
_cell.length_b   67.633
_cell.length_c   48.865
_cell.angle_alpha   90.00
_cell.angle_beta   111.15
_cell.angle_gamma   90.00
#
_symmetry.space_group_name_H-M   'P 1 21 1'
#
loop_
_entity.id
_entity.type
_entity.pdbx_description
1 polymer 'METHIONINE AMINOPEPTIDASE'
2 non-polymer 'COBALT (II) ION'
3 non-polymer 'SODIUM ION'
4 non-polymer '(1-AMINO-3-METHYLSULFANYL-PROPYL)-PHOSPHINIC ACID'
5 water water
#
_entity_poly.entity_id   1
_entity_poly.type   'polypeptide(L)'
_entity_poly.pdbx_seq_one_letter_code
;AISIKTPEDIEKMRVAGRLAAEVLEMIEPYVKPGVSTGELDRICNDYIVNEQHAVSACLGYHGYPKSVCISINEVVCHGI
PDDAKLLKDGDIVNIDVTVIKDGFHGDTSKMFIVGKPTIMGERLCRITQESLYLALRMVKPGINLREIGAAIQKFVEAEG
FSVVREYCGHGIGQGFHEEPQVLHYDSRETNVVLKPGMTFTIEPMVNAGKKEIRTMKDGWTVKTKDRSLSAQYEHTIVVT
DNGCEILTLRKDDTIPAIISHDE
;
_entity_poly.pdbx_strand_id   A
#
# COMPACT_ATOMS: atom_id res chain seq x y z
N ALA A 1 22.63 2.46 -1.51
CA ALA A 1 22.27 1.11 -1.90
C ALA A 1 21.23 0.51 -0.97
N ILE A 2 21.06 -0.80 -1.09
CA ILE A 2 20.10 -1.50 -0.27
C ILE A 2 20.62 -1.79 1.11
N SER A 3 19.92 -1.22 2.09
CA SER A 3 20.25 -1.39 3.50
C SER A 3 19.72 -2.70 4.04
N ILE A 4 20.55 -3.39 4.80
CA ILE A 4 20.15 -4.65 5.42
C ILE A 4 19.85 -4.35 6.88
N LYS A 5 18.67 -4.74 7.35
CA LYS A 5 18.33 -4.42 8.72
C LYS A 5 18.89 -5.36 9.72
N THR A 6 19.29 -4.82 10.89
CA THR A 6 19.80 -5.68 11.93
C THR A 6 18.60 -6.18 12.67
N PRO A 7 18.82 -7.12 13.55
CA PRO A 7 17.73 -7.65 14.34
C PRO A 7 17.04 -6.58 15.17
N GLU A 8 17.84 -5.62 15.67
CA GLU A 8 17.28 -4.55 16.47
C GLU A 8 16.46 -3.63 15.56
N ASP A 9 16.93 -3.41 14.33
CA ASP A 9 16.17 -2.57 13.40
C ASP A 9 14.80 -3.22 13.13
N ILE A 10 14.84 -4.52 12.92
CA ILE A 10 13.65 -5.26 12.62
C ILE A 10 12.62 -5.18 13.72
N GLU A 11 13.07 -5.22 14.97
CA GLU A 11 12.16 -5.13 16.09
C GLU A 11 11.37 -3.81 16.09
N LYS A 12 12.08 -2.74 15.72
CA LYS A 12 11.48 -1.43 15.65
C LYS A 12 10.54 -1.35 14.48
N MET A 13 10.85 -2.05 13.40
CA MET A 13 9.97 -2.03 12.25
C MET A 13 8.66 -2.78 12.55
N ARG A 14 8.75 -3.81 13.39
CA ARG A 14 7.56 -4.56 13.79
C ARG A 14 6.61 -3.62 14.54
N VAL A 15 7.15 -2.75 15.37
CA VAL A 15 6.28 -1.86 16.13
C VAL A 15 5.60 -0.86 15.23
N ALA A 16 6.40 -0.21 14.38
CA ALA A 16 5.90 0.81 13.45
C ALA A 16 4.88 0.20 12.49
N GLY A 17 5.14 -1.03 12.09
CA GLY A 17 4.28 -1.74 11.18
C GLY A 17 2.95 -2.05 11.83
N ARG A 18 2.99 -2.46 13.08
CA ARG A 18 1.75 -2.76 13.80
C ARG A 18 0.95 -1.46 14.02
N LEU A 19 1.63 -0.35 14.31
CA LEU A 19 0.94 0.92 14.52
C LEU A 19 0.20 1.33 13.24
N ALA A 20 0.87 1.21 12.11
CA ALA A 20 0.22 1.60 10.87
C ALA A 20 -1.00 0.74 10.57
N ALA A 21 -0.87 -0.55 10.83
CA ALA A 21 -1.96 -1.46 10.57
C ALA A 21 -3.13 -1.09 11.46
N GLU A 22 -2.80 -0.72 12.69
CA GLU A 22 -3.86 -0.38 13.64
C GLU A 22 -4.69 0.85 13.23
N VAL A 23 -4.07 1.80 12.53
CA VAL A 23 -4.83 2.98 12.10
C VAL A 23 -5.93 2.51 11.13
N LEU A 24 -5.54 1.57 10.26
CA LEU A 24 -6.48 1.00 9.30
C LEU A 24 -7.60 0.22 9.96
N GLU A 25 -7.27 -0.49 11.02
CA GLU A 25 -8.30 -1.26 11.69
C GLU A 25 -9.29 -0.32 12.36
N MET A 26 -8.74 0.72 12.96
CA MET A 26 -9.45 1.71 13.70
C MET A 26 -10.46 2.50 12.90
N ILE A 27 -10.04 2.88 11.70
CA ILE A 27 -10.85 3.78 10.90
C ILE A 27 -12.11 3.16 10.29
N GLU A 28 -12.11 1.86 10.16
CA GLU A 28 -13.19 1.19 9.50
C GLU A 28 -14.61 1.67 9.76
N PRO A 29 -15.01 1.74 11.03
CA PRO A 29 -16.36 2.14 11.33
C PRO A 29 -16.70 3.55 10.86
N TYR A 30 -15.71 4.37 10.58
CA TYR A 30 -16.06 5.70 10.16
C TYR A 30 -16.28 5.83 8.67
N VAL A 31 -15.94 4.80 7.93
CA VAL A 31 -16.06 4.88 6.48
C VAL A 31 -17.48 4.63 6.03
N LYS A 32 -18.28 5.69 5.90
CA LYS A 32 -19.67 5.50 5.51
C LYS A 32 -20.14 6.59 4.61
N PRO A 33 -21.25 6.38 3.94
CA PRO A 33 -21.75 7.42 3.05
C PRO A 33 -21.96 8.73 3.81
N GLY A 34 -21.56 9.87 3.23
CA GLY A 34 -21.75 11.15 3.88
C GLY A 34 -20.53 11.65 4.62
N VAL A 35 -19.52 10.82 4.86
CA VAL A 35 -18.33 11.33 5.55
C VAL A 35 -17.39 11.96 4.52
N SER A 36 -16.66 12.99 4.95
CA SER A 36 -15.74 13.59 3.99
C SER A 36 -14.36 12.92 4.13
N THR A 37 -13.51 13.02 3.11
CA THR A 37 -12.17 12.46 3.26
C THR A 37 -11.34 13.30 4.25
N GLY A 38 -11.68 14.61 4.33
CA GLY A 38 -11.01 15.54 5.25
C GLY A 38 -11.24 15.10 6.68
N GLU A 39 -12.46 14.65 6.97
CA GLU A 39 -12.75 14.17 8.32
C GLU A 39 -11.96 12.88 8.65
N LEU A 40 -11.87 11.98 7.67
CA LEU A 40 -11.15 10.72 7.87
C LEU A 40 -9.68 11.01 8.20
N ASP A 41 -9.13 11.96 7.45
CA ASP A 41 -7.75 12.39 7.66
C ASP A 41 -7.56 12.91 9.09
N ARG A 42 -8.51 13.75 9.57
CA ARG A 42 -8.39 14.29 10.93
C ARG A 42 -8.42 13.20 11.98
N ILE A 43 -9.34 12.24 11.81
CA ILE A 43 -9.44 11.17 12.76
C ILE A 43 -8.13 10.37 12.80
N CYS A 44 -7.59 10.09 11.63
CA CYS A 44 -6.35 9.32 11.58
C CYS A 44 -5.22 10.07 12.27
N ASN A 45 -5.09 11.36 11.97
CA ASN A 45 -4.03 12.15 12.55
C ASN A 45 -4.10 12.24 14.07
N ASP A 46 -5.31 12.42 14.57
CA ASP A 46 -5.49 12.51 16.00
C ASP A 46 -5.06 11.25 16.71
N TYR A 47 -5.43 10.14 16.08
CA TYR A 47 -5.11 8.83 16.63
C TYR A 47 -3.60 8.61 16.69
N ILE A 48 -2.96 8.86 15.54
CA ILE A 48 -1.53 8.70 15.42
C ILE A 48 -0.78 9.49 16.46
N VAL A 49 -1.13 10.77 16.56
CA VAL A 49 -0.46 11.69 17.47
C VAL A 49 -0.82 11.56 18.94
N ASN A 50 -2.11 11.53 19.21
CA ASN A 50 -2.57 11.50 20.58
C ASN A 50 -2.66 10.16 21.25
N GLU A 51 -2.97 9.14 20.49
CA GLU A 51 -3.05 7.85 21.14
C GLU A 51 -1.78 7.08 20.95
N GLN A 52 -1.35 6.94 19.72
CA GLN A 52 -0.15 6.15 19.48
C GLN A 52 1.13 6.86 19.87
N HIS A 53 1.08 8.17 19.99
CA HIS A 53 2.29 8.90 20.30
C HIS A 53 3.34 8.70 19.22
N ALA A 54 2.87 8.63 17.98
CA ALA A 54 3.71 8.48 16.84
C ALA A 54 3.56 9.71 15.94
N VAL A 55 4.03 9.60 14.72
CA VAL A 55 3.94 10.70 13.83
C VAL A 55 3.65 10.25 12.40
N SER A 56 2.90 11.05 11.64
CA SER A 56 2.63 10.66 10.27
C SER A 56 3.81 11.02 9.42
N ALA A 57 4.27 10.08 8.60
CA ALA A 57 5.39 10.37 7.73
C ALA A 57 5.00 11.22 6.56
N CYS A 58 3.70 11.33 6.29
CA CYS A 58 3.29 12.09 5.11
C CYS A 58 3.26 13.62 5.26
N LEU A 59 2.90 14.09 6.45
CA LEU A 59 2.74 15.50 6.75
C LEU A 59 4.02 16.27 6.54
N GLY A 60 4.06 17.08 5.47
CA GLY A 60 5.25 17.87 5.16
C GLY A 60 6.22 17.20 4.19
N TYR A 61 6.01 15.93 3.88
CA TYR A 61 6.90 15.22 2.97
C TYR A 61 6.85 15.84 1.61
N HIS A 62 7.94 16.45 1.19
CA HIS A 62 7.93 17.14 -0.09
C HIS A 62 6.79 18.15 -0.12
N GLY A 63 6.36 18.60 1.05
CA GLY A 63 5.30 19.57 1.10
C GLY A 63 3.89 19.00 1.14
N TYR A 64 3.75 17.70 1.21
CA TYR A 64 2.40 17.13 1.29
C TYR A 64 1.67 17.74 2.48
N PRO A 65 0.47 18.21 2.26
CA PRO A 65 -0.25 18.92 3.29
C PRO A 65 -1.07 18.15 4.31
N LYS A 66 -1.27 16.84 4.10
CA LYS A 66 -2.15 16.10 5.00
C LYS A 66 -1.46 14.94 5.68
N SER A 67 -2.19 14.21 6.53
CA SER A 67 -1.59 13.10 7.25
C SER A 67 -1.60 11.73 6.60
N VAL A 68 -2.58 11.48 5.75
CA VAL A 68 -2.70 10.21 5.05
C VAL A 68 -3.11 10.51 3.61
N CYS A 69 -3.10 9.47 2.77
CA CYS A 69 -3.55 9.65 1.40
C CYS A 69 -4.85 8.88 1.24
N ILE A 70 -5.87 9.52 0.66
CA ILE A 70 -7.16 8.84 0.48
C ILE A 70 -7.54 8.93 -0.98
N SER A 71 -7.63 7.78 -1.64
CA SER A 71 -7.88 7.79 -3.07
C SER A 71 -9.19 7.11 -3.42
N ILE A 72 -10.12 7.89 -3.95
CA ILE A 72 -11.42 7.38 -4.33
C ILE A 72 -11.58 7.04 -5.80
N ASN A 73 -12.18 5.87 -6.08
CA ASN A 73 -12.51 5.42 -7.41
C ASN A 73 -11.39 5.53 -8.43
N GLU A 74 -11.54 6.43 -9.41
CA GLU A 74 -10.54 6.60 -10.44
C GLU A 74 -9.20 7.21 -9.96
N VAL A 75 -9.13 7.69 -8.75
CA VAL A 75 -7.87 8.20 -8.27
C VAL A 75 -7.02 6.94 -8.00
N VAL A 76 -5.82 6.91 -8.58
CA VAL A 76 -4.89 5.79 -8.46
C VAL A 76 -4.17 5.75 -7.14
N CYS A 77 -3.60 6.92 -6.81
CA CYS A 77 -2.90 7.05 -5.57
C CYS A 77 -2.68 8.50 -5.24
N HIS A 78 -2.21 8.71 -4.00
CA HIS A 78 -1.86 10.02 -3.47
C HIS A 78 -2.97 11.03 -3.41
N GLY A 79 -4.23 10.56 -3.36
CA GLY A 79 -5.35 11.48 -3.28
C GLY A 79 -5.25 12.29 -1.98
N ILE A 80 -5.49 13.59 -2.07
CA ILE A 80 -5.41 14.47 -0.92
C ILE A 80 -6.76 14.63 -0.23
N PRO A 81 -6.79 14.36 1.07
CA PRO A 81 -8.03 14.49 1.79
C PRO A 81 -8.60 15.91 1.70
N ASP A 82 -9.91 16.05 1.73
CA ASP A 82 -10.51 17.35 1.60
C ASP A 82 -11.88 17.33 2.24
N ASP A 83 -12.21 18.40 2.94
CA ASP A 83 -13.48 18.50 3.65
C ASP A 83 -14.66 18.53 2.71
N ALA A 84 -14.39 18.84 1.45
CA ALA A 84 -15.41 18.93 0.42
C ALA A 84 -15.69 17.64 -0.31
N LYS A 85 -14.81 16.63 -0.19
CA LYS A 85 -15.03 15.36 -0.89
C LYS A 85 -15.80 14.35 -0.03
N LEU A 86 -17.07 14.14 -0.34
CA LEU A 86 -17.87 13.24 0.46
C LEU A 86 -18.01 11.87 -0.22
N LEU A 87 -18.00 10.83 0.62
CA LEU A 87 -18.14 9.46 0.13
C LEU A 87 -19.60 9.16 -0.13
N LYS A 88 -19.85 8.31 -1.15
CA LYS A 88 -21.19 7.91 -1.61
C LYS A 88 -21.27 6.40 -1.67
N ASP A 89 -22.49 5.90 -1.71
CA ASP A 89 -22.68 4.47 -1.83
C ASP A 89 -21.96 4.00 -3.09
N GLY A 90 -21.27 2.87 -2.97
CA GLY A 90 -20.61 2.25 -4.10
C GLY A 90 -19.18 2.70 -4.31
N ASP A 91 -18.77 3.79 -3.71
CA ASP A 91 -17.37 4.21 -3.90
C ASP A 91 -16.39 3.13 -3.37
N ILE A 92 -15.21 3.05 -3.97
CA ILE A 92 -14.16 2.18 -3.43
C ILE A 92 -13.09 3.19 -3.00
N VAL A 93 -12.55 3.06 -1.80
CA VAL A 93 -11.59 4.05 -1.38
C VAL A 93 -10.38 3.40 -0.75
N ASN A 94 -9.19 3.89 -1.14
CA ASN A 94 -7.96 3.40 -0.56
C ASN A 94 -7.52 4.41 0.52
N ILE A 95 -7.12 3.91 1.68
CA ILE A 95 -6.55 4.77 2.70
C ILE A 95 -5.11 4.23 2.88
N ASP A 96 -4.11 5.08 2.64
CA ASP A 96 -2.70 4.70 2.70
C ASP A 96 -2.07 5.45 3.84
N VAL A 97 -1.57 4.72 4.81
CA VAL A 97 -0.99 5.30 6.02
C VAL A 97 0.49 4.99 6.14
N THR A 98 1.26 5.94 6.63
CA THR A 98 2.70 5.67 6.87
C THR A 98 3.02 6.35 8.19
N VAL A 99 3.36 5.56 9.19
CA VAL A 99 3.67 6.09 10.52
C VAL A 99 5.15 5.94 10.83
N ILE A 100 5.68 6.89 11.61
CA ILE A 100 7.06 6.83 12.06
C ILE A 100 7.05 6.67 13.58
N LYS A 101 7.79 5.69 14.12
CA LYS A 101 7.87 5.48 15.53
C LYS A 101 9.32 5.08 15.82
N ASP A 102 9.94 5.79 16.75
CA ASP A 102 11.34 5.51 17.06
C ASP A 102 12.21 5.54 15.84
N GLY A 103 11.90 6.42 14.92
CA GLY A 103 12.70 6.59 13.73
C GLY A 103 12.46 5.59 12.59
N PHE A 104 11.57 4.59 12.78
CA PHE A 104 11.35 3.64 11.69
C PHE A 104 9.96 3.80 11.11
N HIS A 105 9.87 3.56 9.82
CA HIS A 105 8.60 3.70 9.11
C HIS A 105 7.83 2.37 8.92
N GLY A 106 6.50 2.48 8.89
CA GLY A 106 5.56 1.35 8.64
C GLY A 106 4.60 1.91 7.57
N ASP A 107 4.52 1.31 6.39
CA ASP A 107 3.69 1.83 5.30
C ASP A 107 2.69 0.77 4.84
N THR A 108 1.37 1.08 4.83
CA THR A 108 0.39 0.08 4.43
C THR A 108 -0.90 0.72 3.97
N SER A 109 -1.66 0.00 3.17
CA SER A 109 -2.93 0.56 2.69
C SER A 109 -3.91 -0.54 2.42
N LYS A 110 -5.20 -0.16 2.37
CA LYS A 110 -6.21 -1.16 2.01
C LYS A 110 -7.37 -0.43 1.37
N MET A 111 -8.20 -1.18 0.66
CA MET A 111 -9.38 -0.62 0.04
C MET A 111 -10.57 -0.80 1.01
N PHE A 112 -11.47 0.17 1.00
CA PHE A 112 -12.71 0.07 1.74
C PHE A 112 -13.82 0.27 0.72
N ILE A 113 -14.93 -0.44 0.87
CA ILE A 113 -16.07 -0.28 -0.04
C ILE A 113 -17.15 0.46 0.74
N VAL A 114 -17.65 1.57 0.21
CA VAL A 114 -18.62 2.36 0.93
C VAL A 114 -20.05 1.93 0.65
N GLY A 115 -20.80 1.72 1.72
CA GLY A 115 -22.17 1.32 1.53
C GLY A 115 -22.32 0.06 0.67
N LYS A 116 -23.26 0.08 -0.26
CA LYS A 116 -23.49 -1.09 -1.10
C LYS A 116 -22.51 -1.13 -2.26
N PRO A 117 -21.77 -2.24 -2.33
CA PRO A 117 -20.75 -2.42 -3.36
C PRO A 117 -21.33 -2.60 -4.72
N THR A 118 -20.51 -2.27 -5.72
CA THR A 118 -20.88 -2.49 -7.11
C THR A 118 -20.16 -3.78 -7.48
N ILE A 119 -20.61 -4.43 -8.55
CA ILE A 119 -19.98 -5.70 -8.96
C ILE A 119 -18.51 -5.49 -9.33
N MET A 120 -18.26 -4.48 -10.16
CA MET A 120 -16.92 -4.12 -10.61
C MET A 120 -16.01 -3.74 -9.44
N GLY A 121 -16.53 -2.92 -8.55
CA GLY A 121 -15.72 -2.49 -7.42
C GLY A 121 -15.28 -3.65 -6.54
N GLU A 122 -16.21 -4.55 -6.22
CA GLU A 122 -15.87 -5.68 -5.38
C GLU A 122 -14.84 -6.59 -6.08
N ARG A 123 -15.08 -6.86 -7.35
CA ARG A 123 -14.20 -7.68 -8.12
C ARG A 123 -12.80 -7.10 -8.17
N LEU A 124 -12.73 -5.82 -8.49
CA LEU A 124 -11.44 -5.16 -8.61
C LEU A 124 -10.64 -5.21 -7.31
N CYS A 125 -11.32 -4.96 -6.19
CA CYS A 125 -10.61 -4.98 -4.93
C CYS A 125 -10.08 -6.37 -4.62
N ARG A 126 -10.93 -7.34 -4.86
CA ARG A 126 -10.54 -8.72 -4.58
C ARG A 126 -9.30 -9.17 -5.35
N ILE A 127 -9.34 -8.91 -6.64
CA ILE A 127 -8.26 -9.30 -7.52
C ILE A 127 -6.97 -8.61 -7.14
N THR A 128 -7.08 -7.35 -6.78
CA THR A 128 -5.92 -6.60 -6.39
C THR A 128 -5.31 -7.17 -5.12
N GLN A 129 -6.16 -7.49 -4.13
CA GLN A 129 -5.62 -8.05 -2.93
C GLN A 129 -4.94 -9.40 -3.23
N GLU A 130 -5.62 -10.22 -4.04
CA GLU A 130 -5.06 -11.52 -4.38
C GLU A 130 -3.71 -11.40 -5.06
N SER A 131 -3.55 -10.36 -5.89
CA SER A 131 -2.26 -10.14 -6.58
C SER A 131 -1.16 -9.82 -5.58
N LEU A 132 -1.53 -9.11 -4.52
CA LEU A 132 -0.54 -8.80 -3.50
C LEU A 132 -0.19 -10.06 -2.73
N TYR A 133 -1.20 -10.84 -2.41
CA TYR A 133 -0.93 -12.06 -1.64
C TYR A 133 -0.04 -13.03 -2.45
N LEU A 134 -0.31 -13.12 -3.75
CA LEU A 134 0.45 -14.01 -4.63
C LEU A 134 1.94 -13.64 -4.55
N ALA A 135 2.21 -12.34 -4.65
CA ALA A 135 3.56 -11.83 -4.54
C ALA A 135 4.19 -12.16 -3.20
N LEU A 136 3.43 -12.02 -2.12
CA LEU A 136 3.98 -12.29 -0.80
C LEU A 136 4.42 -13.72 -0.66
N ARG A 137 3.67 -14.60 -1.27
CA ARG A 137 3.95 -16.02 -1.18
C ARG A 137 5.24 -16.40 -1.88
N MET A 138 5.71 -15.55 -2.79
CA MET A 138 6.91 -15.88 -3.52
C MET A 138 8.20 -15.39 -2.86
N VAL A 139 8.08 -14.42 -1.99
CA VAL A 139 9.25 -13.83 -1.36
C VAL A 139 10.11 -14.77 -0.52
N LYS A 140 11.38 -14.85 -0.90
CA LYS A 140 12.36 -15.64 -0.19
C LYS A 140 13.75 -15.31 -0.68
N PRO A 141 14.75 -15.61 0.15
CA PRO A 141 16.10 -15.29 -0.25
C PRO A 141 16.51 -16.01 -1.54
N GLY A 142 17.32 -15.34 -2.35
CA GLY A 142 17.79 -15.96 -3.57
C GLY A 142 16.93 -15.69 -4.80
N ILE A 143 15.67 -15.29 -4.63
CA ILE A 143 14.83 -15.07 -5.78
C ILE A 143 15.08 -13.66 -6.30
N ASN A 144 14.84 -13.44 -7.61
CA ASN A 144 14.98 -12.12 -8.21
C ASN A 144 13.64 -11.35 -8.16
N LEU A 145 13.72 -10.09 -7.82
CA LEU A 145 12.52 -9.23 -7.73
C LEU A 145 11.75 -9.29 -9.02
N ARG A 146 12.48 -9.45 -10.13
CA ARG A 146 11.83 -9.52 -11.44
C ARG A 146 10.72 -10.56 -11.50
N GLU A 147 10.98 -11.72 -10.94
CA GLU A 147 10.00 -12.79 -10.98
C GLU A 147 8.71 -12.37 -10.30
N ILE A 148 8.82 -11.61 -9.23
CA ILE A 148 7.63 -11.18 -8.51
C ILE A 148 6.78 -10.22 -9.34
N GLY A 149 7.43 -9.26 -9.97
CA GLY A 149 6.70 -8.30 -10.79
C GLY A 149 6.04 -9.01 -11.95
N ALA A 150 6.75 -9.95 -12.55
CA ALA A 150 6.18 -10.68 -13.67
C ALA A 150 4.94 -11.49 -13.22
N ALA A 151 5.01 -12.09 -12.03
CA ALA A 151 3.88 -12.89 -11.56
C ALA A 151 2.61 -12.05 -11.34
N ILE A 152 2.79 -10.88 -10.73
CA ILE A 152 1.69 -9.97 -10.48
C ILE A 152 1.06 -9.62 -11.81
N GLN A 153 1.87 -9.17 -12.77
CA GLN A 153 1.33 -8.80 -14.06
C GLN A 153 0.56 -9.91 -14.76
N LYS A 154 1.15 -11.08 -14.82
CA LYS A 154 0.45 -12.13 -15.50
C LYS A 154 -0.90 -12.42 -14.87
N PHE A 155 -0.95 -12.40 -13.54
CA PHE A 155 -2.18 -12.70 -12.83
C PHE A 155 -3.27 -11.68 -13.14
N VAL A 156 -2.88 -10.45 -12.97
CA VAL A 156 -3.76 -9.33 -13.17
C VAL A 156 -4.32 -9.27 -14.58
N GLU A 157 -3.45 -9.41 -15.56
CA GLU A 157 -3.86 -9.33 -16.95
C GLU A 157 -4.74 -10.49 -17.32
N ALA A 158 -4.49 -11.65 -16.74
CA ALA A 158 -5.33 -12.79 -17.00
C ALA A 158 -6.75 -12.56 -16.53
N GLU A 159 -6.92 -11.66 -15.57
CA GLU A 159 -8.25 -11.36 -15.04
C GLU A 159 -8.95 -10.22 -15.76
N GLY A 160 -8.36 -9.72 -16.85
CA GLY A 160 -8.91 -8.66 -17.67
C GLY A 160 -8.64 -7.24 -17.20
N PHE A 161 -7.73 -7.09 -16.24
CA PHE A 161 -7.38 -5.77 -15.71
C PHE A 161 -5.98 -5.36 -16.13
N SER A 162 -5.52 -4.18 -15.72
CA SER A 162 -4.18 -3.73 -16.10
C SER A 162 -3.39 -3.26 -14.91
N VAL A 163 -2.06 -3.28 -15.04
CA VAL A 163 -1.25 -2.86 -13.91
C VAL A 163 -0.58 -1.54 -14.17
N VAL A 164 -0.61 -0.63 -13.18
CA VAL A 164 0.04 0.66 -13.36
C VAL A 164 1.55 0.50 -13.33
N ARG A 165 2.24 1.12 -14.30
CA ARG A 165 3.70 1.00 -14.42
C ARG A 165 4.51 1.99 -13.62
N GLU A 166 4.02 3.22 -13.58
CA GLU A 166 4.71 4.33 -12.93
C GLU A 166 4.99 4.36 -11.45
N TYR A 167 4.12 3.79 -10.66
CA TYR A 167 4.37 3.87 -9.24
C TYR A 167 4.68 2.47 -8.79
N CYS A 168 5.52 2.36 -7.78
CA CYS A 168 5.94 1.03 -7.38
C CYS A 168 6.24 0.93 -5.92
N GLY A 169 6.53 -0.30 -5.48
CA GLY A 169 6.89 -0.56 -4.09
C GLY A 169 8.31 -0.07 -3.86
N HIS A 170 8.77 -0.11 -2.62
CA HIS A 170 10.09 0.45 -2.37
C HIS A 170 10.68 -0.02 -1.07
N GLY A 171 12.00 0.10 -0.96
CA GLY A 171 12.61 -0.23 0.30
C GLY A 171 12.06 0.79 1.30
N ILE A 172 12.17 0.44 2.56
CA ILE A 172 11.69 1.27 3.65
C ILE A 172 12.41 0.93 4.94
N GLY A 173 12.62 1.93 5.81
CA GLY A 173 13.26 1.66 7.10
C GLY A 173 13.36 2.99 7.83
N GLN A 174 14.58 3.46 8.05
CA GLN A 174 14.79 4.76 8.66
C GLN A 174 14.35 5.77 7.62
N GLY A 175 14.41 5.38 6.37
CA GLY A 175 14.02 6.23 5.24
C GLY A 175 12.61 5.81 4.79
N PHE A 176 11.86 6.74 4.21
CA PHE A 176 10.49 6.45 3.75
C PHE A 176 10.55 5.63 2.47
N HIS A 177 11.31 6.12 1.49
CA HIS A 177 11.44 5.44 0.21
C HIS A 177 12.88 5.12 -0.07
N GLU A 178 13.30 3.92 0.26
CA GLU A 178 14.67 3.51 0.04
C GLU A 178 14.77 2.56 -1.14
N GLU A 179 15.99 2.16 -1.54
CA GLU A 179 16.11 1.21 -2.62
C GLU A 179 15.68 -0.10 -2.02
N PRO A 180 15.19 -1.00 -2.84
CA PRO A 180 15.06 -0.82 -4.26
C PRO A 180 13.65 -0.42 -4.65
N GLN A 181 13.50 -0.17 -5.96
CA GLN A 181 12.21 0.09 -6.57
C GLN A 181 11.61 -1.30 -6.77
N VAL A 182 10.36 -1.50 -6.34
CA VAL A 182 9.72 -2.80 -6.51
C VAL A 182 8.66 -2.63 -7.57
N LEU A 183 8.99 -3.05 -8.80
CA LEU A 183 8.06 -2.93 -9.92
C LEU A 183 6.99 -4.00 -9.86
N HIS A 184 5.76 -3.63 -10.26
CA HIS A 184 4.67 -4.61 -10.23
C HIS A 184 4.40 -5.24 -11.60
N TYR A 185 5.42 -5.21 -12.47
CA TYR A 185 5.30 -5.81 -13.78
C TYR A 185 6.62 -6.39 -14.22
N ASP A 186 6.56 -7.15 -15.33
CA ASP A 186 7.79 -7.77 -15.86
C ASP A 186 8.63 -6.76 -16.58
N SER A 187 9.90 -6.66 -16.20
CA SER A 187 10.76 -5.71 -16.86
C SER A 187 12.15 -6.28 -16.92
N ARG A 188 12.77 -6.16 -18.10
CA ARG A 188 14.13 -6.67 -18.25
C ARG A 188 15.11 -5.81 -17.51
N GLU A 189 14.66 -4.64 -17.09
CA GLU A 189 15.50 -3.73 -16.33
C GLU A 189 15.70 -4.15 -14.89
N THR A 190 14.82 -5.03 -14.40
CA THR A 190 14.88 -5.44 -13.00
C THR A 190 15.83 -6.59 -12.75
N ASN A 191 16.80 -6.37 -11.86
CA ASN A 191 17.78 -7.40 -11.54
C ASN A 191 18.25 -7.21 -10.09
N VAL A 192 17.49 -7.76 -9.16
CA VAL A 192 17.75 -7.66 -7.73
C VAL A 192 17.49 -8.97 -7.04
N VAL A 193 18.50 -9.54 -6.41
CA VAL A 193 18.33 -10.80 -5.73
C VAL A 193 18.04 -10.51 -4.28
N LEU A 194 17.01 -11.14 -3.76
CA LEU A 194 16.65 -10.91 -2.37
C LEU A 194 17.59 -11.57 -1.37
N LYS A 195 17.73 -10.91 -0.24
CA LYS A 195 18.55 -11.43 0.85
C LYS A 195 17.91 -11.14 2.20
N PRO A 196 18.11 -11.99 3.16
CA PRO A 196 17.49 -11.80 4.43
C PRO A 196 17.84 -10.48 5.06
N GLY A 197 16.85 -9.87 5.72
CA GLY A 197 17.10 -8.57 6.35
C GLY A 197 16.70 -7.39 5.46
N MET A 198 16.32 -7.67 4.21
CA MET A 198 15.87 -6.57 3.36
C MET A 198 14.40 -6.27 3.77
N THR A 199 14.01 -5.00 3.76
CA THR A 199 12.65 -4.61 4.14
C THR A 199 12.11 -3.75 3.02
N PHE A 200 10.93 -4.07 2.53
CA PHE A 200 10.38 -3.28 1.45
C PHE A 200 8.87 -3.50 1.43
N THR A 201 8.21 -2.70 0.60
CA THR A 201 6.78 -2.81 0.44
C THR A 201 6.45 -3.36 -0.95
N ILE A 202 5.28 -3.96 -1.07
CA ILE A 202 4.72 -4.41 -2.35
C ILE A 202 3.36 -3.68 -2.34
N GLU A 203 2.99 -2.94 -3.41
CA GLU A 203 1.76 -2.14 -3.40
C GLU A 203 1.19 -1.93 -4.79
N PRO A 204 0.80 -3.02 -5.38
CA PRO A 204 0.26 -2.98 -6.72
C PRO A 204 -0.98 -2.10 -6.88
N MET A 205 -1.02 -1.35 -7.99
CA MET A 205 -2.15 -0.50 -8.34
C MET A 205 -2.70 -1.11 -9.60
N VAL A 206 -3.97 -1.50 -9.55
CA VAL A 206 -4.60 -2.17 -10.67
C VAL A 206 -5.76 -1.38 -11.17
N ASN A 207 -5.86 -1.26 -12.48
CA ASN A 207 -6.97 -0.52 -13.06
C ASN A 207 -7.95 -1.43 -13.75
N ALA A 208 -9.24 -1.08 -13.63
CA ALA A 208 -10.30 -1.84 -14.27
C ALA A 208 -10.18 -1.72 -15.78
N GLY A 209 -9.73 -0.55 -16.25
CA GLY A 209 -9.58 -0.29 -17.67
C GLY A 209 -8.13 -0.44 -18.11
N LYS A 210 -7.66 0.58 -18.82
CA LYS A 210 -6.32 0.64 -19.40
C LYS A 210 -5.30 1.12 -18.39
N LYS A 211 -4.05 0.76 -18.63
CA LYS A 211 -3.02 1.10 -17.68
C LYS A 211 -2.63 2.56 -17.56
N GLU A 212 -2.89 3.37 -18.57
CA GLU A 212 -2.43 4.75 -18.55
C GLU A 212 -2.89 5.64 -17.41
N ILE A 213 -2.02 6.52 -16.91
CA ILE A 213 -2.40 7.38 -15.82
C ILE A 213 -2.10 8.83 -16.16
N ARG A 214 -2.63 9.73 -15.35
CA ARG A 214 -2.39 11.16 -15.50
C ARG A 214 -2.29 11.84 -14.14
N THR A 215 -1.26 12.69 -13.98
CA THR A 215 -1.05 13.45 -12.77
C THR A 215 -1.84 14.77 -12.78
N MET A 216 -2.54 15.06 -11.72
CA MET A 216 -3.34 16.27 -11.64
C MET A 216 -2.50 17.51 -11.35
N LYS A 217 -3.12 18.69 -11.53
CA LYS A 217 -2.50 19.99 -11.27
C LYS A 217 -2.01 20.20 -9.83
N ASP A 218 -2.58 19.46 -8.87
CA ASP A 218 -2.15 19.59 -7.47
C ASP A 218 -0.78 18.99 -7.25
N GLY A 219 -0.32 18.28 -8.27
CA GLY A 219 0.98 17.67 -8.24
C GLY A 219 1.06 16.42 -7.38
N TRP A 220 -0.06 15.87 -6.98
CA TRP A 220 0.01 14.68 -6.16
C TRP A 220 -0.97 13.65 -6.66
N THR A 221 -2.21 14.10 -6.80
CA THR A 221 -3.27 13.22 -7.23
C THR A 221 -3.01 12.53 -8.57
N VAL A 222 -3.19 11.22 -8.61
CA VAL A 222 -2.99 10.53 -9.85
C VAL A 222 -4.31 9.85 -10.22
N LYS A 223 -4.73 9.97 -11.48
CA LYS A 223 -5.97 9.32 -11.89
C LYS A 223 -5.75 8.46 -13.12
N THR A 224 -6.70 7.57 -13.39
CA THR A 224 -6.55 6.77 -14.59
C THR A 224 -6.88 7.66 -15.77
N LYS A 225 -6.22 7.46 -16.91
CA LYS A 225 -6.53 8.27 -18.10
C LYS A 225 -7.94 7.98 -18.62
N ASP A 226 -8.40 6.74 -18.54
CA ASP A 226 -9.72 6.47 -19.06
C ASP A 226 -10.84 6.57 -18.04
N ARG A 227 -10.51 7.05 -16.86
CA ARG A 227 -11.48 7.21 -15.80
C ARG A 227 -12.02 5.91 -15.24
N SER A 228 -11.36 4.80 -15.54
CA SER A 228 -11.81 3.54 -14.98
C SER A 228 -11.44 3.48 -13.48
N LEU A 229 -12.03 2.55 -12.73
CA LEU A 229 -11.72 2.43 -11.32
C LEU A 229 -10.29 1.87 -11.15
N SER A 230 -9.67 2.20 -10.02
CA SER A 230 -8.33 1.72 -9.72
C SER A 230 -8.26 1.31 -8.27
N ALA A 231 -7.58 0.22 -7.99
CA ALA A 231 -7.46 -0.24 -6.61
C ALA A 231 -6.00 -0.57 -6.25
N GLN A 232 -5.73 -0.57 -4.95
CA GLN A 232 -4.40 -0.84 -4.45
C GLN A 232 -4.43 -1.37 -3.04
N TYR A 233 -3.44 -2.18 -2.72
CA TYR A 233 -3.26 -2.68 -1.36
C TYR A 233 -1.75 -2.67 -1.17
N GLU A 234 -1.31 -2.44 0.08
CA GLU A 234 0.10 -2.39 0.36
C GLU A 234 0.45 -3.02 1.70
N HIS A 235 1.58 -3.75 1.73
CA HIS A 235 2.08 -4.28 2.99
C HIS A 235 3.61 -4.03 3.01
N THR A 236 4.15 -3.87 4.22
CA THR A 236 5.60 -3.74 4.46
C THR A 236 6.06 -5.12 4.95
N ILE A 237 7.15 -5.63 4.38
CA ILE A 237 7.59 -6.96 4.82
C ILE A 237 9.08 -6.99 5.07
N VAL A 238 9.54 -8.06 5.68
CA VAL A 238 10.95 -8.29 5.91
C VAL A 238 11.29 -9.67 5.32
N VAL A 239 12.40 -9.78 4.57
CA VAL A 239 12.80 -11.06 4.02
C VAL A 239 13.46 -11.85 5.14
N THR A 240 13.02 -13.10 5.37
CA THR A 240 13.62 -13.90 6.43
C THR A 240 14.50 -14.99 5.84
N ASP A 241 15.07 -15.86 6.69
CA ASP A 241 15.93 -16.96 6.21
C ASP A 241 15.19 -17.90 5.28
N ASN A 242 13.89 -18.10 5.46
CA ASN A 242 13.20 -19.04 4.60
C ASN A 242 11.91 -18.50 4.07
N GLY A 243 11.78 -17.17 3.98
CA GLY A 243 10.52 -16.68 3.46
C GLY A 243 10.38 -15.21 3.79
N CYS A 244 9.24 -14.85 4.36
CA CYS A 244 9.09 -13.46 4.72
C CYS A 244 8.14 -13.32 5.91
N GLU A 245 8.15 -12.13 6.51
CA GLU A 245 7.25 -11.82 7.60
C GLU A 245 6.53 -10.53 7.26
N ILE A 246 5.22 -10.53 7.40
CA ILE A 246 4.47 -9.35 7.05
C ILE A 246 4.32 -8.50 8.28
N LEU A 247 4.99 -7.34 8.24
CA LEU A 247 4.98 -6.39 9.36
C LEU A 247 3.68 -5.61 9.59
N THR A 248 2.92 -5.38 8.54
CA THR A 248 1.69 -4.59 8.69
C THR A 248 0.43 -5.42 8.62
N LEU A 249 0.48 -6.69 9.02
CA LEU A 249 -0.71 -7.53 8.94
C LEU A 249 -1.84 -7.02 9.84
N ARG A 250 -3.09 -7.15 9.36
CA ARG A 250 -4.24 -6.71 10.17
C ARG A 250 -5.11 -7.89 10.49
N LYS A 251 -6.08 -7.68 11.38
CA LYS A 251 -7.02 -8.74 11.72
C LYS A 251 -7.76 -9.32 10.51
N ASP A 252 -8.06 -8.48 9.51
CA ASP A 252 -8.81 -8.88 8.34
C ASP A 252 -7.99 -9.50 7.24
N ASP A 253 -6.66 -9.51 7.38
CA ASP A 253 -5.85 -10.16 6.36
C ASP A 253 -6.11 -11.67 6.51
N THR A 254 -6.09 -12.38 5.38
CA THR A 254 -6.32 -13.83 5.39
C THR A 254 -5.10 -14.62 4.99
N ILE A 255 -3.96 -14.00 5.13
CA ILE A 255 -2.69 -14.62 4.82
C ILE A 255 -1.97 -14.70 6.15
N PRO A 256 -1.15 -15.74 6.39
CA PRO A 256 -0.44 -15.84 7.64
C PRO A 256 0.64 -14.78 7.68
N ALA A 257 0.97 -14.36 8.90
CA ALA A 257 1.96 -13.34 9.12
C ALA A 257 3.36 -13.79 8.72
N ILE A 258 3.65 -15.06 8.93
CA ILE A 258 4.96 -15.62 8.61
C ILE A 258 4.79 -16.65 7.52
N ILE A 259 5.48 -16.45 6.40
CA ILE A 259 5.37 -17.39 5.32
C ILE A 259 6.67 -18.18 5.23
N SER A 260 6.60 -19.50 5.29
CA SER A 260 7.82 -20.28 5.26
C SER A 260 7.90 -21.23 4.11
N HIS A 261 9.10 -21.32 3.55
CA HIS A 261 9.32 -22.22 2.44
C HIS A 261 10.22 -23.42 2.81
N ASP A 262 9.97 -24.58 2.20
CA ASP A 262 10.75 -25.77 2.50
C ASP A 262 10.28 -26.92 1.63
#